data_6VUZ
#
_entry.id   6VUZ
#
_cell.length_a   175.472
_cell.length_b   175.472
_cell.length_c   123.082
_cell.angle_alpha   90.000
_cell.angle_beta   90.000
_cell.angle_gamma   120.000
#
_symmetry.space_group_name_H-M   'H 3 2'
#
loop_
_entity.id
_entity.type
_entity.pdbx_description
1 polymer 'N-acetyltransferase Eis'
2 non-polymer 2-{[3-(piperidin-1-yl)propyl]sulfanyl}-6,7-dihydro-5H-cyclopenta[4,5]thieno[2,3-d]pyrimidin-4-amine
3 non-polymer DI(HYDROXYETHYL)ETHER
4 non-polymer GLYCEROL
5 non-polymer 'SULFATE ION'
6 water water
#
_entity_poly.entity_id   1
_entity_poly.type   'polypeptide(L)'
_entity_poly.pdbx_seq_one_letter_code
;MGSSHHHHHHSSGLVPRGSHMTVTLCSPTEDDWPGMFLLAAASFTDFIGPESATAWRTLVPTDGAVVVRDGAGPGSEVVG
MALYMDLRLTVPGEVVLPTAGLSFVAVAPTHRRRGLLRAMCAELHRRIADSGYPVAALHASEGGIYGRFGYGPATTLHEL
TVDRRFARFHADAPGGGLGGSSVRLVRPTEHRGEFEAIYERWRQQVPGGLLRPQVLWDELLAEAKAAPGGDRESFALLHP
DGYALYRVDRTDLKLARVSELRAVTADAHCALWRALIGLDSMERISIITHPQDPLPHLLTDTRLARTTWRQDGLWLRIMN
VPAALEARGYAHEVGEFSTVLEVSDGGRFALKIGDGRARCTPTDAAAEIEMDRDVLGSLYLGAHRASTLAAANRLRTKDS
QLLRRLDAAFASDVPVQTAFEF
;
_entity_poly.pdbx_strand_id   A
#
loop_
_chem_comp.id
_chem_comp.type
_chem_comp.name
_chem_comp.formula
GOL non-polymer GLYCEROL 'C3 H8 O3'
PEG non-polymer DI(HYDROXYETHYL)ETHER 'C4 H10 O3'
RMS non-polymer 2-{[3-(piperidin-1-yl)propyl]sulfanyl}-6,7-dihydro-5H-cyclopenta[4,5]thieno[2,3-d]pyrimidin-4-amine 'C17 H24 N4 S2'
SO4 non-polymer 'SULFATE ION' 'O4 S -2'
#
# COMPACT_ATOMS: atom_id res chain seq x y z
N VAL A 23 -7.07 -30.54 14.86
CA VAL A 23 -6.60 -29.31 14.14
C VAL A 23 -5.15 -29.52 13.68
N THR A 24 -4.94 -29.59 12.37
CA THR A 24 -3.61 -29.72 11.70
C THR A 24 -3.52 -28.70 10.56
N LEU A 25 -2.30 -28.31 10.15
CA LEU A 25 -2.00 -27.31 9.09
C LEU A 25 -1.74 -28.04 7.76
N CYS A 26 -2.51 -27.75 6.71
CA CYS A 26 -2.39 -28.37 5.37
C CYS A 26 -2.50 -27.31 4.27
N SER A 27 -1.87 -27.52 3.12
CA SER A 27 -2.19 -26.80 1.86
C SER A 27 -3.59 -27.21 1.43
N PRO A 28 -4.48 -26.26 1.08
CA PRO A 28 -5.81 -26.63 0.58
C PRO A 28 -5.74 -27.35 -0.78
N THR A 29 -6.65 -28.30 -0.99
CA THR A 29 -6.94 -28.97 -2.30
C THR A 29 -8.17 -28.30 -2.90
N GLU A 30 -8.50 -28.58 -4.17
CA GLU A 30 -9.59 -27.89 -4.91
C GLU A 30 -10.90 -27.98 -4.12
N ASP A 31 -11.08 -29.03 -3.31
CA ASP A 31 -12.35 -29.33 -2.61
C ASP A 31 -12.44 -28.54 -1.29
N ASP A 32 -11.37 -27.89 -0.87
CA ASP A 32 -11.35 -27.05 0.36
C ASP A 32 -11.93 -25.65 0.08
N TRP A 33 -11.85 -25.18 -1.16
CA TRP A 33 -12.10 -23.76 -1.48
C TRP A 33 -13.56 -23.37 -1.17
N PRO A 34 -14.58 -24.20 -1.49
CA PRO A 34 -15.95 -23.90 -1.04
C PRO A 34 -16.05 -23.60 0.47
N GLY A 35 -15.34 -24.35 1.32
CA GLY A 35 -15.30 -24.14 2.78
C GLY A 35 -14.57 -22.85 3.14
N MET A 36 -13.51 -22.54 2.39
CA MET A 36 -12.72 -21.29 2.54
C MET A 36 -13.63 -20.09 2.21
N PHE A 37 -14.38 -20.17 1.11
CA PHE A 37 -15.31 -19.10 0.67
C PHE A 37 -16.40 -18.90 1.73
N LEU A 38 -16.87 -19.96 2.39
CA LEU A 38 -17.88 -19.85 3.48
C LEU A 38 -17.25 -19.06 4.63
N LEU A 39 -16.07 -19.46 5.08
CA LEU A 39 -15.34 -18.76 6.17
C LEU A 39 -15.09 -17.29 5.77
N ALA A 40 -14.82 -17.04 4.49
CA ALA A 40 -14.57 -15.68 3.92
C ALA A 40 -15.83 -14.82 4.07
N ALA A 41 -16.95 -15.29 3.53
CA ALA A 41 -18.29 -14.65 3.60
C ALA A 41 -18.65 -14.28 5.06
N ALA A 42 -18.30 -15.13 6.02
CA ALA A 42 -18.65 -14.95 7.45
C ALA A 42 -17.62 -14.05 8.15
N SER A 43 -16.46 -13.82 7.56
CA SER A 43 -15.31 -13.17 8.22
C SER A 43 -15.05 -11.77 7.64
N PHE A 44 -15.38 -11.56 6.36
CA PHE A 44 -15.14 -10.29 5.62
C PHE A 44 -16.46 -9.75 5.06
N THR A 45 -16.84 -8.56 5.52
CA THR A 45 -18.12 -7.90 5.18
C THR A 45 -18.08 -7.52 3.69
N ASP A 46 -16.88 -7.27 3.16
CA ASP A 46 -16.61 -6.70 1.81
C ASP A 46 -16.35 -7.81 0.78
N PHE A 47 -16.51 -9.10 1.15
CA PHE A 47 -16.22 -10.27 0.26
C PHE A 47 -17.08 -10.17 -1.01
N ILE A 48 -16.50 -10.50 -2.17
CA ILE A 48 -17.05 -10.17 -3.52
C ILE A 48 -17.60 -11.44 -4.17
N GLY A 49 -17.85 -12.50 -3.40
CA GLY A 49 -18.40 -13.78 -3.91
C GLY A 49 -17.32 -14.63 -4.56
N PRO A 50 -17.60 -15.93 -4.81
CA PRO A 50 -16.57 -16.88 -5.26
C PRO A 50 -16.09 -16.74 -6.72
N GLU A 51 -16.94 -16.26 -7.63
CA GLU A 51 -16.62 -16.24 -9.08
C GLU A 51 -15.75 -15.02 -9.41
N SER A 52 -15.61 -14.09 -8.46
CA SER A 52 -14.69 -12.93 -8.50
C SER A 52 -13.40 -13.23 -7.72
N ALA A 53 -13.48 -14.12 -6.72
CA ALA A 53 -12.33 -14.64 -5.93
C ALA A 53 -11.48 -15.55 -6.81
N THR A 54 -12.07 -16.14 -7.86
CA THR A 54 -11.40 -16.88 -8.97
C THR A 54 -10.24 -16.07 -9.54
N ALA A 55 -10.42 -14.76 -9.72
CA ALA A 55 -9.41 -13.87 -10.34
C ALA A 55 -8.20 -13.71 -9.41
N TRP A 56 -8.42 -13.45 -8.12
CA TRP A 56 -7.34 -13.23 -7.12
C TRP A 56 -6.54 -14.52 -6.93
N ARG A 57 -7.23 -15.67 -6.96
CA ARG A 57 -6.65 -17.05 -6.88
C ARG A 57 -5.48 -17.21 -7.85
N THR A 58 -5.54 -16.59 -9.03
CA THR A 58 -4.48 -16.70 -10.07
C THR A 58 -3.18 -16.13 -9.49
N LEU A 59 -3.24 -15.15 -8.57
CA LEU A 59 -2.05 -14.49 -7.96
C LEU A 59 -1.51 -15.31 -6.78
N VAL A 60 -2.22 -16.36 -6.37
CA VAL A 60 -1.75 -17.28 -5.29
C VAL A 60 -0.89 -18.36 -5.93
N PRO A 61 0.39 -18.48 -5.54
CA PRO A 61 1.24 -19.55 -6.05
C PRO A 61 0.84 -20.89 -5.42
N THR A 62 1.16 -21.99 -6.10
CA THR A 62 1.21 -23.35 -5.53
C THR A 62 1.90 -23.26 -4.16
N ASP A 63 1.26 -23.71 -3.09
CA ASP A 63 1.84 -23.69 -1.71
C ASP A 63 1.87 -22.26 -1.15
N GLY A 64 1.03 -21.37 -1.69
CA GLY A 64 0.78 -20.03 -1.13
C GLY A 64 -0.28 -20.01 -0.05
N ALA A 65 -1.03 -21.10 0.16
CA ALA A 65 -2.21 -21.15 1.06
C ALA A 65 -2.05 -22.24 2.12
N VAL A 66 -2.51 -21.97 3.34
CA VAL A 66 -2.71 -22.98 4.41
C VAL A 66 -4.15 -22.91 4.90
N VAL A 67 -4.72 -24.08 5.21
CA VAL A 67 -6.06 -24.24 5.85
C VAL A 67 -5.86 -25.06 7.12
N VAL A 68 -6.66 -24.79 8.14
CA VAL A 68 -6.83 -25.65 9.35
C VAL A 68 -8.22 -26.28 9.26
N ARG A 69 -8.29 -27.60 9.19
CA ARG A 69 -9.57 -28.37 9.20
C ARG A 69 -9.81 -28.85 10.64
N ASP A 70 -11.09 -29.01 11.03
CA ASP A 70 -11.46 -29.62 12.34
C ASP A 70 -11.94 -31.05 12.09
N GLY A 71 -11.11 -32.04 12.47
CA GLY A 71 -11.39 -33.47 12.35
C GLY A 71 -11.34 -33.97 10.91
N SER A 76 -14.85 -32.75 7.39
CA SER A 76 -14.16 -31.70 8.19
C SER A 76 -14.27 -30.35 7.46
N GLU A 77 -14.74 -29.31 8.16
CA GLU A 77 -14.91 -27.92 7.63
C GLU A 77 -13.66 -27.09 7.94
N VAL A 78 -13.40 -26.07 7.12
CA VAL A 78 -12.26 -25.13 7.24
C VAL A 78 -12.59 -24.15 8.37
N VAL A 79 -11.76 -24.11 9.42
CA VAL A 79 -11.92 -23.24 10.62
C VAL A 79 -10.79 -22.20 10.66
N GLY A 80 -9.90 -22.25 9.68
CA GLY A 80 -8.70 -21.40 9.61
C GLY A 80 -8.14 -21.40 8.20
N MET A 81 -7.70 -20.24 7.72
CA MET A 81 -7.04 -20.14 6.41
C MET A 81 -6.16 -18.89 6.40
N ALA A 82 -5.13 -18.93 5.57
CA ALA A 82 -4.24 -17.78 5.24
C ALA A 82 -3.55 -18.14 3.94
N LEU A 83 -3.24 -17.13 3.12
CA LEU A 83 -2.44 -17.32 1.89
C LEU A 83 -1.61 -16.07 1.64
N TYR A 84 -0.65 -16.17 0.72
CA TYR A 84 0.07 -15.00 0.17
C TYR A 84 -0.11 -15.02 -1.35
N MET A 85 -0.02 -13.83 -1.93
CA MET A 85 -0.01 -13.64 -3.39
C MET A 85 1.37 -13.15 -3.81
N ASP A 86 1.76 -13.46 -5.04
CA ASP A 86 3.02 -12.98 -5.67
C ASP A 86 2.80 -11.55 -6.17
N LEU A 87 3.49 -10.59 -5.56
CA LEU A 87 3.38 -9.14 -5.89
C LEU A 87 4.78 -8.57 -6.19
N ARG A 88 4.85 -7.50 -6.98
CA ARG A 88 6.07 -6.72 -7.26
C ARG A 88 5.87 -5.32 -6.65
N LEU A 89 6.54 -5.05 -5.54
CA LEU A 89 6.45 -3.77 -4.80
C LEU A 89 7.64 -2.90 -5.21
N THR A 90 7.35 -1.64 -5.60
CA THR A 90 8.37 -0.60 -5.86
C THR A 90 8.80 0.03 -4.53
N VAL A 91 10.12 0.14 -4.32
CA VAL A 91 10.72 0.75 -3.09
C VAL A 91 11.62 1.89 -3.54
N PRO A 92 12.08 2.77 -2.64
CA PRO A 92 12.88 3.94 -3.05
C PRO A 92 14.10 3.61 -3.92
N GLY A 93 14.37 4.44 -4.92
CA GLY A 93 15.38 4.19 -5.96
C GLY A 93 14.77 3.47 -7.15
N GLU A 94 13.44 3.50 -7.27
CA GLU A 94 12.68 2.92 -8.41
C GLU A 94 13.10 1.45 -8.60
N VAL A 95 13.36 0.76 -7.48
CA VAL A 95 13.72 -0.69 -7.44
C VAL A 95 12.45 -1.47 -7.12
N VAL A 96 12.25 -2.60 -7.81
CA VAL A 96 11.05 -3.47 -7.73
C VAL A 96 11.42 -4.77 -7.01
N LEU A 97 10.84 -5.03 -5.83
CA LEU A 97 11.07 -6.25 -5.01
C LEU A 97 9.96 -7.27 -5.27
N PRO A 98 10.29 -8.58 -5.37
CA PRO A 98 9.29 -9.62 -5.19
C PRO A 98 8.77 -9.50 -3.75
N THR A 99 7.46 -9.60 -3.56
CA THR A 99 6.76 -9.36 -2.27
C THR A 99 5.65 -10.39 -2.11
N ALA A 100 5.70 -11.16 -1.04
CA ALA A 100 4.55 -11.99 -0.58
C ALA A 100 3.50 -11.06 0.03
N GLY A 101 2.34 -10.95 -0.61
CA GLY A 101 1.18 -10.20 -0.10
C GLY A 101 0.27 -11.12 0.70
N LEU A 102 0.32 -11.04 2.02
CA LEU A 102 -0.59 -11.81 2.91
C LEU A 102 -2.02 -11.29 2.73
N SER A 103 -3.00 -12.18 2.75
CA SER A 103 -4.44 -11.86 2.62
C SER A 103 -5.27 -13.12 2.87
N PHE A 104 -6.58 -12.96 2.92
CA PHE A 104 -7.58 -14.05 3.08
C PHE A 104 -7.29 -14.79 4.38
N VAL A 105 -6.81 -14.06 5.39
CA VAL A 105 -6.50 -14.58 6.76
C VAL A 105 -7.80 -14.56 7.57
N ALA A 106 -8.15 -15.67 8.21
CA ALA A 106 -9.44 -15.84 8.91
C ALA A 106 -9.38 -17.08 9.79
N VAL A 107 -9.88 -16.93 11.02
CA VAL A 107 -10.16 -18.03 11.99
C VAL A 107 -11.66 -18.02 12.25
N ALA A 108 -12.31 -19.19 12.22
CA ALA A 108 -13.76 -19.32 12.51
C ALA A 108 -14.05 -18.74 13.89
N PRO A 109 -15.20 -18.06 14.08
CA PRO A 109 -15.59 -17.52 15.37
C PRO A 109 -15.66 -18.60 16.46
N THR A 110 -15.82 -19.86 16.03
CA THR A 110 -15.92 -21.07 16.89
C THR A 110 -14.55 -21.57 17.37
N HIS A 111 -13.43 -20.99 16.90
CA HIS A 111 -12.04 -21.47 17.19
C HIS A 111 -11.10 -20.31 17.56
N ARG A 112 -11.62 -19.25 18.17
CA ARG A 112 -10.82 -18.11 18.71
C ARG A 112 -9.90 -18.60 19.84
N ARG A 113 -8.92 -17.76 20.22
CA ARG A 113 -7.93 -17.99 21.31
C ARG A 113 -7.43 -19.44 21.31
N ARG A 114 -7.29 -20.05 20.14
CA ARG A 114 -6.87 -21.46 19.97
C ARG A 114 -5.45 -21.53 19.37
N GLY A 115 -4.83 -20.37 19.09
CA GLY A 115 -3.47 -20.25 18.53
C GLY A 115 -3.39 -20.67 17.07
N LEU A 116 -4.50 -20.60 16.32
CA LEU A 116 -4.56 -21.00 14.88
C LEU A 116 -3.85 -19.96 14.00
N LEU A 117 -4.01 -18.67 14.29
CA LEU A 117 -3.33 -17.57 13.56
C LEU A 117 -1.81 -17.72 13.74
N ARG A 118 -1.35 -17.88 14.97
CA ARG A 118 0.09 -18.05 15.29
C ARG A 118 0.63 -19.23 14.48
N ALA A 119 -0.08 -20.35 14.39
CA ALA A 119 0.35 -21.55 13.63
C ALA A 119 0.37 -21.24 12.13
N MET A 120 -0.67 -20.62 11.60
CA MET A 120 -0.81 -20.39 10.14
C MET A 120 0.24 -19.37 9.65
N CYS A 121 0.46 -18.29 10.40
CA CYS A 121 1.40 -17.18 10.06
C CYS A 121 2.84 -17.71 10.07
N ALA A 122 3.19 -18.48 11.11
CA ALA A 122 4.50 -19.17 11.25
C ALA A 122 4.74 -20.03 10.00
N GLU A 123 3.74 -20.79 9.55
CA GLU A 123 3.89 -21.73 8.40
C GLU A 123 4.09 -20.93 7.12
N LEU A 124 3.27 -19.91 6.86
CA LEU A 124 3.42 -19.06 5.64
C LEU A 124 4.77 -18.33 5.66
N HIS A 125 5.19 -17.78 6.80
CA HIS A 125 6.49 -17.05 6.91
C HIS A 125 7.66 -18.00 6.65
N ARG A 126 7.56 -19.26 7.07
CA ARG A 126 8.55 -20.32 6.77
C ARG A 126 8.66 -20.45 5.23
N ARG A 127 7.51 -20.63 4.56
CA ARG A 127 7.41 -20.84 3.09
C ARG A 127 7.83 -19.59 2.31
N ILE A 128 7.46 -18.41 2.80
CA ILE A 128 7.77 -17.11 2.15
C ILE A 128 9.29 -16.92 2.17
N ALA A 129 9.93 -17.11 3.32
CA ALA A 129 11.39 -17.00 3.53
C ALA A 129 12.12 -18.01 2.64
N ASP A 130 11.73 -19.29 2.68
CA ASP A 130 12.37 -20.42 1.94
C ASP A 130 12.19 -20.25 0.42
N SER A 131 11.22 -19.47 -0.03
CA SER A 131 10.97 -19.18 -1.47
C SER A 131 11.86 -18.02 -1.96
N GLY A 132 12.48 -17.26 -1.04
CA GLY A 132 13.41 -16.16 -1.36
C GLY A 132 12.74 -14.80 -1.53
N TYR A 133 11.55 -14.59 -0.96
CA TYR A 133 10.92 -13.25 -0.86
C TYR A 133 11.70 -12.46 0.18
N PRO A 134 12.28 -11.30 -0.18
CA PRO A 134 12.95 -10.44 0.81
C PRO A 134 12.00 -9.73 1.78
N VAL A 135 10.76 -9.46 1.35
CA VAL A 135 9.72 -8.77 2.17
C VAL A 135 8.36 -9.46 1.98
N ALA A 136 7.49 -9.30 3.00
CA ALA A 136 6.05 -9.60 2.95
C ALA A 136 5.27 -8.35 3.30
N ALA A 137 4.04 -8.27 2.82
CA ALA A 137 3.16 -7.09 2.99
C ALA A 137 1.71 -7.50 3.18
N LEU A 138 0.96 -6.65 3.87
CA LEU A 138 -0.50 -6.85 4.05
C LEU A 138 -1.18 -5.50 4.34
N HIS A 139 -2.51 -5.53 4.22
CA HIS A 139 -3.46 -4.47 4.66
C HIS A 139 -4.19 -5.00 5.90
N ALA A 140 -4.19 -4.21 6.99
CA ALA A 140 -4.68 -4.59 8.33
C ALA A 140 -6.20 -4.38 8.42
N SER A 141 -6.90 -5.27 9.11
CA SER A 141 -8.32 -5.08 9.52
C SER A 141 -8.36 -4.47 10.92
N GLU A 142 -7.30 -4.66 11.73
CA GLU A 142 -7.04 -3.89 12.97
C GLU A 142 -5.53 -3.61 13.10
N GLY A 143 -5.18 -2.43 13.64
CA GLY A 143 -3.78 -1.99 13.78
C GLY A 143 -3.08 -2.60 14.99
N GLY A 144 -3.68 -3.62 15.63
CA GLY A 144 -3.20 -4.22 16.90
C GLY A 144 -2.76 -5.67 16.75
N ILE A 145 -3.12 -6.33 15.66
CA ILE A 145 -2.90 -7.79 15.44
C ILE A 145 -1.47 -8.05 14.98
N TYR A 146 -0.90 -7.20 14.10
CA TYR A 146 0.16 -7.62 13.13
C TYR A 146 1.57 -7.19 13.56
N GLY A 147 1.71 -6.31 14.55
CA GLY A 147 3.02 -5.89 15.10
C GLY A 147 3.80 -7.08 15.65
N ARG A 148 3.12 -8.01 16.32
CA ARG A 148 3.79 -9.12 17.05
C ARG A 148 4.27 -10.18 16.05
N PHE A 149 3.86 -10.13 14.77
CA PHE A 149 4.33 -11.06 13.71
C PHE A 149 5.39 -10.40 12.82
N GLY A 150 5.92 -9.24 13.19
CA GLY A 150 7.04 -8.55 12.51
C GLY A 150 6.59 -7.54 11.45
N TYR A 151 5.29 -7.24 11.34
CA TYR A 151 4.73 -6.27 10.37
C TYR A 151 4.67 -4.87 10.99
N GLY A 152 5.20 -3.88 10.26
CA GLY A 152 5.19 -2.46 10.61
C GLY A 152 4.39 -1.68 9.58
N PRO A 153 3.54 -0.72 10.01
CA PRO A 153 2.81 0.12 9.07
C PRO A 153 3.84 0.98 8.32
N ALA A 154 3.76 1.01 6.99
CA ALA A 154 4.83 1.50 6.09
C ALA A 154 4.37 2.65 5.18
N THR A 155 3.06 2.77 4.91
CA THR A 155 2.46 3.91 4.16
C THR A 155 1.26 4.46 4.94
N THR A 156 0.94 5.73 4.73
CA THR A 156 -0.18 6.44 5.42
C THR A 156 -1.23 6.85 4.40
N LEU A 157 -2.48 6.45 4.62
CA LEU A 157 -3.66 6.91 3.88
C LEU A 157 -4.16 8.23 4.47
N HIS A 158 -4.70 9.08 3.61
CA HIS A 158 -5.07 10.49 3.90
C HIS A 158 -6.31 10.79 3.06
N GLU A 159 -7.50 10.81 3.67
CA GLU A 159 -8.74 11.27 2.99
C GLU A 159 -8.73 12.80 2.98
N LEU A 160 -8.67 13.40 1.80
CA LEU A 160 -8.95 14.84 1.59
C LEU A 160 -10.37 14.94 1.05
N THR A 161 -11.18 15.79 1.69
CA THR A 161 -12.50 16.23 1.19
C THR A 161 -12.39 17.71 0.84
N VAL A 162 -12.70 18.10 -0.40
CA VAL A 162 -12.68 19.51 -0.85
C VAL A 162 -14.11 20.03 -0.94
N ASP A 163 -14.43 21.16 -0.30
CA ASP A 163 -15.68 21.92 -0.60
C ASP A 163 -15.44 22.72 -1.88
N ARG A 164 -15.92 22.20 -3.01
CA ARG A 164 -15.49 22.62 -4.37
C ARG A 164 -16.25 23.88 -4.80
N ARG A 165 -17.23 24.31 -4.02
CA ARG A 165 -17.98 25.57 -4.30
C ARG A 165 -17.07 26.77 -4.08
N PHE A 166 -16.19 26.72 -3.09
CA PHE A 166 -15.27 27.83 -2.72
C PHE A 166 -13.91 27.71 -3.42
N ALA A 167 -13.61 26.55 -4.01
CA ALA A 167 -12.26 26.20 -4.52
C ALA A 167 -11.91 27.08 -5.72
N ARG A 168 -10.83 27.84 -5.60
CA ARG A 168 -10.22 28.63 -6.70
C ARG A 168 -8.75 28.18 -6.78
N PHE A 169 -8.28 27.88 -7.99
CA PHE A 169 -6.84 27.58 -8.23
C PHE A 169 -6.03 28.88 -8.13
N HIS A 170 -4.82 28.75 -7.60
CA HIS A 170 -3.76 29.78 -7.47
C HIS A 170 -3.31 30.23 -8.86
N ALA A 171 -2.88 31.49 -9.00
CA ALA A 171 -2.27 32.05 -10.22
C ALA A 171 -1.12 31.14 -10.69
N ASP A 172 -0.32 30.66 -9.74
CA ASP A 172 0.92 29.87 -9.95
C ASP A 172 0.60 28.45 -10.44
N ALA A 173 -0.65 27.99 -10.35
CA ALA A 173 -1.06 26.62 -10.74
C ALA A 173 -0.94 26.45 -12.26
N PRO A 174 -0.43 25.29 -12.75
CA PRO A 174 -0.42 24.99 -14.18
C PRO A 174 -1.81 24.67 -14.75
N GLY A 175 -1.99 24.92 -16.06
CA GLY A 175 -3.13 24.41 -16.86
C GLY A 175 -4.39 25.25 -16.71
N GLY A 176 -4.24 26.56 -16.47
CA GLY A 176 -5.34 27.53 -16.36
C GLY A 176 -5.21 28.66 -17.37
N GLY A 177 -4.89 28.31 -18.63
CA GLY A 177 -4.64 29.26 -19.74
C GLY A 177 -5.63 29.10 -20.87
N LEU A 178 -6.06 30.22 -21.47
CA LEU A 178 -7.03 30.29 -22.61
C LEU A 178 -6.50 29.45 -23.79
N GLY A 179 -7.28 28.43 -24.19
CA GLY A 179 -6.84 27.34 -25.08
C GLY A 179 -7.29 26.00 -24.52
N GLY A 180 -7.08 24.92 -25.28
CA GLY A 180 -7.67 23.58 -25.03
C GLY A 180 -7.39 23.05 -23.63
N SER A 181 -8.34 22.30 -23.08
CA SER A 181 -8.12 21.33 -21.97
C SER A 181 -7.66 20.01 -22.61
N SER A 182 -6.69 19.35 -21.98
CA SER A 182 -6.15 18.04 -22.41
C SER A 182 -6.90 16.89 -21.72
N VAL A 183 -7.82 17.22 -20.77
CA VAL A 183 -8.60 16.25 -19.95
C VAL A 183 -9.93 15.94 -20.64
N ARG A 184 -10.28 14.67 -20.75
CA ARG A 184 -11.56 14.19 -21.37
C ARG A 184 -12.37 13.43 -20.31
N LEU A 185 -13.69 13.57 -20.35
CA LEU A 185 -14.66 12.76 -19.56
C LEU A 185 -15.04 11.53 -20.39
N VAL A 186 -14.87 10.32 -19.86
CA VAL A 186 -15.00 9.05 -20.64
C VAL A 186 -15.65 7.96 -19.79
N ARG A 187 -16.23 6.96 -20.46
CA ARG A 187 -16.58 5.66 -19.88
C ARG A 187 -15.29 4.91 -19.59
N PRO A 188 -15.04 4.47 -18.34
CA PRO A 188 -13.84 3.70 -18.03
C PRO A 188 -13.61 2.47 -18.93
N THR A 189 -14.64 1.68 -19.20
CA THR A 189 -14.56 0.38 -19.91
C THR A 189 -13.98 0.55 -21.32
N GLU A 190 -14.02 1.76 -21.88
CA GLU A 190 -13.68 2.02 -23.32
C GLU A 190 -12.26 2.56 -23.45
N HIS A 191 -11.53 2.73 -22.35
CA HIS A 191 -10.17 3.34 -22.33
C HIS A 191 -9.28 2.61 -21.32
N ARG A 192 -9.36 1.28 -21.32
CA ARG A 192 -8.62 0.36 -20.42
C ARG A 192 -7.11 0.50 -20.69
N GLY A 193 -6.71 0.26 -21.94
CA GLY A 193 -5.30 0.32 -22.38
C GLY A 193 -4.61 1.60 -21.93
N GLU A 194 -5.30 2.74 -22.03
CA GLU A 194 -4.72 4.06 -21.62
C GLU A 194 -4.52 4.07 -20.10
N PHE A 195 -5.48 3.58 -19.32
CA PHE A 195 -5.38 3.53 -17.84
C PHE A 195 -4.21 2.63 -17.46
N GLU A 196 -4.16 1.43 -18.06
CA GLU A 196 -3.09 0.40 -17.86
C GLU A 196 -1.71 1.04 -18.11
N ALA A 197 -1.54 1.65 -19.29
CA ALA A 197 -0.32 2.37 -19.68
C ALA A 197 0.08 3.37 -18.59
N ILE A 198 -0.84 4.25 -18.16
CA ILE A 198 -0.52 5.34 -17.20
C ILE A 198 -0.15 4.72 -15.85
N TYR A 199 -0.92 3.74 -15.38
CA TYR A 199 -0.68 3.05 -14.08
C TYR A 199 0.69 2.37 -14.11
N GLU A 200 1.01 1.65 -15.20
CA GLU A 200 2.32 0.97 -15.36
C GLU A 200 3.45 2.00 -15.17
N ARG A 201 3.37 3.16 -15.82
CA ARG A 201 4.36 4.25 -15.68
C ARG A 201 4.37 4.74 -14.23
N TRP A 202 3.20 4.81 -13.60
CA TRP A 202 3.04 5.39 -12.23
C TRP A 202 3.72 4.47 -11.22
N ARG A 203 3.45 3.17 -11.28
CA ARG A 203 3.81 2.20 -10.23
C ARG A 203 5.32 1.96 -10.24
N GLN A 204 5.95 2.13 -11.41
CA GLN A 204 7.40 1.92 -11.62
C GLN A 204 8.22 3.07 -11.04
N GLN A 205 7.63 4.25 -10.80
CA GLN A 205 8.41 5.41 -10.34
C GLN A 205 7.99 5.88 -8.94
N VAL A 206 7.14 5.13 -8.23
CA VAL A 206 6.58 5.57 -6.92
C VAL A 206 6.73 4.45 -5.90
N PRO A 207 7.41 4.70 -4.76
CA PRO A 207 7.43 3.74 -3.65
C PRO A 207 6.03 3.45 -3.10
N GLY A 208 5.70 2.16 -2.98
CA GLY A 208 4.35 1.68 -2.64
C GLY A 208 3.62 1.14 -3.86
N GLY A 209 4.09 1.51 -5.06
CA GLY A 209 3.50 1.03 -6.33
C GLY A 209 3.51 -0.48 -6.39
N LEU A 210 2.45 -1.08 -6.94
CA LEU A 210 2.34 -2.53 -7.20
C LEU A 210 2.02 -2.73 -8.67
N LEU A 211 2.69 -3.66 -9.33
CA LEU A 211 2.23 -4.25 -10.61
C LEU A 211 0.77 -4.63 -10.38
N ARG A 212 -0.15 -4.14 -11.20
CA ARG A 212 -1.56 -4.57 -11.20
C ARG A 212 -1.75 -5.50 -12.40
N PRO A 213 -1.87 -6.82 -12.17
CA PRO A 213 -2.05 -7.79 -13.27
C PRO A 213 -3.41 -7.68 -13.97
N GLN A 214 -3.51 -8.24 -15.18
CA GLN A 214 -4.69 -8.21 -16.07
C GLN A 214 -5.97 -8.50 -15.25
N VAL A 215 -5.98 -9.53 -14.42
CA VAL A 215 -7.24 -10.01 -13.77
C VAL A 215 -7.78 -8.94 -12.81
N LEU A 216 -6.92 -8.10 -12.22
CA LEU A 216 -7.37 -7.05 -11.27
C LEU A 216 -7.86 -5.80 -12.02
N TRP A 217 -7.41 -5.59 -13.26
CA TRP A 217 -8.03 -4.64 -14.21
C TRP A 217 -9.41 -5.16 -14.64
N ASP A 218 -9.58 -6.47 -14.83
CA ASP A 218 -10.90 -7.07 -15.16
C ASP A 218 -11.87 -6.76 -14.02
N GLU A 219 -11.39 -6.92 -12.78
CA GLU A 219 -12.19 -6.66 -11.55
C GLU A 219 -12.47 -5.16 -11.40
N LEU A 220 -11.48 -4.30 -11.66
CA LEU A 220 -11.60 -2.84 -11.43
C LEU A 220 -12.69 -2.26 -12.33
N LEU A 221 -12.83 -2.78 -13.56
CA LEU A 221 -13.76 -2.23 -14.59
C LEU A 221 -15.14 -2.90 -14.51
N ALA A 222 -15.29 -3.96 -13.70
CA ALA A 222 -16.59 -4.61 -13.37
C ALA A 222 -17.23 -3.90 -12.16
N GLU A 223 -16.41 -3.30 -11.29
CA GLU A 223 -16.83 -2.38 -10.20
C GLU A 223 -17.24 -1.01 -10.76
N ALA A 224 -16.90 -0.70 -12.02
CA ALA A 224 -17.07 0.64 -12.65
C ALA A 224 -18.50 0.80 -13.18
N LYS A 225 -19.21 -0.30 -13.46
CA LYS A 225 -20.63 -0.27 -13.92
C LYS A 225 -21.55 -0.15 -12.71
N ALA A 226 -22.69 0.53 -12.88
CA ALA A 226 -23.72 0.76 -11.84
C ALA A 226 -24.30 -0.58 -11.37
N ALA A 227 -24.58 -0.69 -10.07
CA ALA A 227 -25.20 -1.86 -9.41
C ALA A 227 -26.68 -1.59 -9.15
N PRO A 228 -27.58 -2.58 -9.32
CA PRO A 228 -28.99 -2.42 -8.95
C PRO A 228 -29.11 -2.27 -7.42
N GLY A 229 -29.45 -1.07 -6.94
CA GLY A 229 -29.56 -0.72 -5.52
C GLY A 229 -28.23 -0.84 -4.79
N GLY A 230 -27.12 -0.56 -5.48
CA GLY A 230 -25.75 -0.55 -4.93
C GLY A 230 -25.03 0.73 -5.31
N ASP A 231 -23.79 0.62 -5.82
CA ASP A 231 -22.92 1.76 -6.23
C ASP A 231 -23.44 2.33 -7.56
N ARG A 232 -23.12 3.60 -7.83
CA ARG A 232 -23.58 4.31 -9.05
C ARG A 232 -22.53 4.13 -10.14
N GLU A 233 -22.84 4.55 -11.37
CA GLU A 233 -21.92 4.48 -12.53
C GLU A 233 -20.64 5.26 -12.18
N SER A 234 -19.47 4.70 -12.52
CA SER A 234 -18.13 5.35 -12.43
C SER A 234 -17.80 6.05 -13.74
N PHE A 235 -17.33 7.29 -13.66
CA PHE A 235 -16.83 8.07 -14.81
C PHE A 235 -15.33 8.20 -14.65
N ALA A 236 -14.66 8.52 -15.75
CA ALA A 236 -13.19 8.68 -15.81
C ALA A 236 -12.87 10.04 -16.39
N LEU A 237 -11.85 10.68 -15.83
CA LEU A 237 -11.19 11.87 -16.38
C LEU A 237 -9.81 11.43 -16.87
N LEU A 238 -9.56 11.53 -18.17
CA LEU A 238 -8.38 10.95 -18.87
C LEU A 238 -7.54 12.10 -19.43
N HIS A 239 -6.28 12.13 -19.02
CA HIS A 239 -5.20 13.02 -19.52
C HIS A 239 -4.15 12.12 -20.17
N PRO A 240 -3.34 12.60 -21.14
CA PRO A 240 -2.23 11.80 -21.66
C PRO A 240 -1.34 11.16 -20.58
N ASP A 241 -1.20 11.83 -19.43
CA ASP A 241 -0.22 11.49 -18.37
C ASP A 241 -0.91 11.29 -17.00
N GLY A 242 -2.17 10.85 -16.98
CA GLY A 242 -2.91 10.62 -15.72
C GLY A 242 -4.39 10.34 -15.94
N TYR A 243 -5.04 9.74 -14.95
CA TYR A 243 -6.51 9.50 -14.95
C TYR A 243 -7.02 9.60 -13.51
N ALA A 244 -8.34 9.77 -13.40
CA ALA A 244 -9.15 9.77 -12.16
C ALA A 244 -10.43 8.97 -12.43
N LEU A 245 -10.72 7.97 -11.59
CA LEU A 245 -12.03 7.30 -11.55
C LEU A 245 -12.79 7.86 -10.36
N TYR A 246 -14.04 8.26 -10.59
CA TYR A 246 -14.92 8.83 -9.56
C TYR A 246 -16.35 8.34 -9.78
N ARG A 247 -17.16 8.42 -8.73
CA ARG A 247 -18.60 8.10 -8.75
C ARG A 247 -19.27 8.92 -7.66
N VAL A 248 -20.54 9.28 -7.84
CA VAL A 248 -21.35 9.93 -6.78
C VAL A 248 -21.66 8.87 -5.70
N ASP A 249 -21.64 9.28 -4.44
CA ASP A 249 -21.92 8.40 -3.26
C ASP A 249 -23.34 7.86 -3.37
N ARG A 250 -23.59 6.68 -2.80
CA ARG A 250 -24.92 6.02 -2.81
C ARG A 250 -25.99 6.96 -2.23
N THR A 251 -25.74 7.48 -1.02
CA THR A 251 -26.75 8.15 -0.14
C THR A 251 -26.53 9.67 -0.13
N ASP A 252 -25.28 10.14 -0.10
CA ASP A 252 -24.92 11.58 -0.22
C ASP A 252 -24.76 11.91 -1.72
N LEU A 253 -25.75 12.54 -2.33
CA LEU A 253 -25.79 12.77 -3.81
C LEU A 253 -25.01 14.05 -4.16
N LYS A 254 -24.48 14.77 -3.17
CA LYS A 254 -23.67 16.00 -3.35
C LYS A 254 -22.19 15.68 -3.13
N LEU A 255 -21.85 14.41 -2.86
CA LEU A 255 -20.45 13.95 -2.66
C LEU A 255 -20.00 13.10 -3.85
N ALA A 256 -18.83 13.40 -4.42
CA ALA A 256 -18.12 12.56 -5.41
C ALA A 256 -16.93 11.89 -4.73
N ARG A 257 -16.86 10.57 -4.80
CA ARG A 257 -15.72 9.79 -4.25
C ARG A 257 -14.79 9.49 -5.43
N VAL A 258 -13.57 10.01 -5.38
CA VAL A 258 -12.47 9.65 -6.32
C VAL A 258 -11.87 8.33 -5.82
N SER A 259 -12.21 7.22 -6.47
CA SER A 259 -11.76 5.86 -6.06
C SER A 259 -10.26 5.74 -6.32
N GLU A 260 -9.73 6.43 -7.32
CA GLU A 260 -8.33 6.24 -7.83
C GLU A 260 -7.92 7.42 -8.71
N LEU A 261 -6.87 8.15 -8.33
CA LEU A 261 -6.26 9.19 -9.21
C LEU A 261 -4.77 8.89 -9.36
N ARG A 262 -4.34 8.62 -10.60
CA ARG A 262 -2.93 8.33 -10.95
C ARG A 262 -2.45 9.40 -11.95
N ALA A 263 -1.40 10.13 -11.57
CA ALA A 263 -0.78 11.20 -12.39
C ALA A 263 0.74 11.01 -12.36
N VAL A 264 1.35 11.05 -13.54
CA VAL A 264 2.80 10.84 -13.79
C VAL A 264 3.51 12.20 -13.72
N THR A 265 2.86 13.27 -14.19
CA THR A 265 3.44 14.64 -14.28
C THR A 265 2.61 15.57 -13.39
N ALA A 266 3.22 16.62 -12.85
CA ALA A 266 2.54 17.68 -12.05
C ALA A 266 1.41 18.28 -12.91
N ASP A 267 1.68 18.50 -14.19
CA ASP A 267 0.68 19.03 -15.16
C ASP A 267 -0.57 18.15 -15.11
N ALA A 268 -0.42 16.83 -15.24
CA ALA A 268 -1.54 15.87 -15.30
C ALA A 268 -2.34 15.95 -13.99
N HIS A 269 -1.66 16.04 -12.85
CA HIS A 269 -2.28 16.10 -11.49
C HIS A 269 -3.14 17.36 -11.39
N CYS A 270 -2.61 18.50 -11.82
CA CYS A 270 -3.33 19.80 -11.73
C CYS A 270 -4.53 19.81 -12.69
N ALA A 271 -4.31 19.42 -13.94
CA ALA A 271 -5.33 19.32 -15.01
C ALA A 271 -6.51 18.49 -14.51
N LEU A 272 -6.24 17.33 -13.92
CA LEU A 272 -7.28 16.41 -13.42
C LEU A 272 -8.06 17.04 -12.26
N TRP A 273 -7.41 17.84 -11.43
CA TRP A 273 -8.08 18.49 -10.27
C TRP A 273 -8.97 19.66 -10.74
N ARG A 274 -8.51 20.44 -11.73
CA ARG A 274 -9.35 21.46 -12.39
C ARG A 274 -10.65 20.80 -12.90
N ALA A 275 -10.55 19.62 -13.50
CA ALA A 275 -11.73 18.90 -14.02
C ALA A 275 -12.65 18.49 -12.85
N LEU A 276 -12.11 17.95 -11.75
CA LEU A 276 -12.91 17.49 -10.58
C LEU A 276 -13.58 18.68 -9.86
N ILE A 277 -12.90 19.84 -9.74
CA ILE A 277 -13.48 21.07 -9.13
C ILE A 277 -14.56 21.63 -10.07
N GLY A 278 -14.52 21.27 -11.36
CA GLY A 278 -15.54 21.64 -12.35
C GLY A 278 -16.80 20.77 -12.27
N LEU A 279 -16.90 19.81 -11.34
CA LEU A 279 -18.13 18.99 -11.16
C LEU A 279 -19.17 19.81 -10.40
N ASP A 280 -19.86 20.71 -11.10
CA ASP A 280 -20.64 21.83 -10.50
C ASP A 280 -21.88 21.30 -9.77
N SER A 281 -22.35 20.09 -10.06
CA SER A 281 -23.53 19.49 -9.37
C SER A 281 -23.13 18.96 -7.97
N MET A 282 -21.84 18.83 -7.68
CA MET A 282 -21.31 18.30 -6.38
C MET A 282 -20.94 19.46 -5.45
N GLU A 283 -21.09 19.26 -4.15
CA GLU A 283 -20.66 20.22 -3.10
C GLU A 283 -19.24 19.85 -2.64
N ARG A 284 -18.93 18.55 -2.59
CA ARG A 284 -17.66 18.00 -2.02
C ARG A 284 -17.09 16.90 -2.91
N ILE A 285 -15.78 16.98 -3.20
CA ILE A 285 -14.93 15.89 -3.76
C ILE A 285 -14.09 15.30 -2.64
N SER A 286 -14.20 13.99 -2.40
CA SER A 286 -13.36 13.25 -1.42
C SER A 286 -12.42 12.32 -2.20
N ILE A 287 -11.22 12.13 -1.67
CA ILE A 287 -10.22 11.20 -2.24
C ILE A 287 -9.37 10.65 -1.10
N ILE A 288 -8.95 9.39 -1.20
CA ILE A 288 -7.91 8.78 -0.33
C ILE A 288 -6.59 8.85 -1.08
N THR A 289 -5.65 9.61 -0.54
CA THR A 289 -4.34 9.93 -1.15
C THR A 289 -3.27 9.81 -0.05
N HIS A 290 -2.10 10.42 -0.24
CA HIS A 290 -0.94 10.33 0.67
C HIS A 290 -0.74 11.68 1.35
N PRO A 291 0.01 11.75 2.47
CA PRO A 291 0.15 12.99 3.22
C PRO A 291 0.86 14.12 2.45
N GLN A 292 1.60 13.79 1.39
CA GLN A 292 2.38 14.80 0.61
C GLN A 292 1.62 15.19 -0.67
N ASP A 293 0.35 14.78 -0.84
CA ASP A 293 -0.47 15.17 -2.01
C ASP A 293 -0.41 16.69 -2.12
N PRO A 294 -0.01 17.25 -3.28
CA PRO A 294 0.10 18.71 -3.43
C PRO A 294 -1.21 19.48 -3.63
N LEU A 295 -2.37 18.81 -3.63
CA LEU A 295 -3.67 19.45 -3.95
C LEU A 295 -3.91 20.69 -3.10
N PRO A 296 -3.69 20.69 -1.77
CA PRO A 296 -3.97 21.87 -0.95
C PRO A 296 -3.28 23.13 -1.49
N HIS A 297 -2.04 22.96 -1.96
CA HIS A 297 -1.14 24.05 -2.44
C HIS A 297 -1.55 24.51 -3.84
N LEU A 298 -2.43 23.78 -4.52
CA LEU A 298 -2.97 24.20 -5.84
C LEU A 298 -4.05 25.26 -5.65
N LEU A 299 -4.63 25.36 -4.44
CA LEU A 299 -5.77 26.26 -4.15
C LEU A 299 -5.25 27.55 -3.50
N THR A 300 -6.01 28.63 -3.64
CA THR A 300 -5.77 29.95 -2.97
C THR A 300 -6.00 29.79 -1.46
N ASP A 301 -6.83 28.83 -1.07
CA ASP A 301 -7.18 28.54 0.35
C ASP A 301 -6.80 27.08 0.63
N THR A 302 -5.62 26.87 1.22
CA THR A 302 -5.12 25.51 1.58
C THR A 302 -6.18 24.76 2.39
N ARG A 303 -6.96 25.46 3.22
CA ARG A 303 -7.86 24.84 4.24
C ARG A 303 -9.07 24.17 3.59
N LEU A 304 -9.42 24.52 2.35
CA LEU A 304 -10.62 24.00 1.62
C LEU A 304 -10.48 22.51 1.33
N ALA A 305 -9.24 22.02 1.27
CA ALA A 305 -8.89 20.57 1.19
C ALA A 305 -8.67 20.04 2.60
N ARG A 306 -9.75 19.72 3.33
CA ARG A 306 -9.69 19.21 4.73
C ARG A 306 -9.25 17.75 4.72
N THR A 307 -8.32 17.41 5.61
CA THR A 307 -7.97 16.02 5.98
C THR A 307 -9.02 15.52 6.97
N THR A 308 -9.84 14.57 6.53
CA THR A 308 -11.06 14.07 7.22
C THR A 308 -10.85 12.65 7.81
N TRP A 309 -9.68 12.04 7.65
CA TRP A 309 -9.43 10.60 7.96
C TRP A 309 -7.97 10.22 7.66
N ARG A 310 -7.31 9.52 8.58
CA ARG A 310 -5.93 9.00 8.40
C ARG A 310 -5.84 7.57 8.92
N GLN A 311 -5.16 6.69 8.19
CA GLN A 311 -4.87 5.31 8.66
C GLN A 311 -3.57 4.80 8.03
N ASP A 312 -2.92 3.88 8.73
CA ASP A 312 -1.94 2.91 8.17
C ASP A 312 -2.48 2.34 6.85
N GLY A 313 -1.68 2.38 5.80
CA GLY A 313 -2.00 1.72 4.51
C GLY A 313 -1.39 0.33 4.45
N LEU A 314 -0.28 0.20 3.72
CA LEU A 314 0.48 -1.08 3.55
C LEU A 314 1.34 -1.32 4.79
N TRP A 315 1.32 -2.56 5.30
CA TRP A 315 2.23 -3.05 6.35
C TRP A 315 3.31 -3.94 5.73
N LEU A 316 4.53 -3.83 6.23
CA LEU A 316 5.73 -4.48 5.66
C LEU A 316 6.39 -5.35 6.74
N ARG A 317 6.74 -6.58 6.38
CA ARG A 317 7.64 -7.46 7.18
C ARG A 317 8.89 -7.73 6.35
N ILE A 318 10.04 -7.22 6.79
CA ILE A 318 11.37 -7.52 6.19
C ILE A 318 11.71 -8.97 6.52
N MET A 319 11.75 -9.85 5.52
CA MET A 319 11.92 -11.32 5.71
C MET A 319 13.42 -11.64 5.84
N ASN A 320 14.24 -10.94 5.04
CA ASN A 320 15.72 -11.03 4.98
C ASN A 320 16.30 -9.60 5.11
N VAL A 321 16.86 -9.26 6.27
CA VAL A 321 17.26 -7.86 6.60
C VAL A 321 18.34 -7.39 5.63
N PRO A 322 19.46 -8.13 5.44
CA PRO A 322 20.51 -7.66 4.54
C PRO A 322 20.09 -7.54 3.06
N ALA A 323 19.20 -8.40 2.57
CA ALA A 323 18.77 -8.44 1.15
C ALA A 323 17.90 -7.21 0.84
N ALA A 324 17.08 -6.78 1.81
CA ALA A 324 16.13 -5.66 1.68
C ALA A 324 16.86 -4.32 1.83
N LEU A 325 17.72 -4.17 2.85
CA LEU A 325 18.49 -2.92 3.06
C LEU A 325 19.41 -2.69 1.86
N GLU A 326 19.95 -3.75 1.26
CA GLU A 326 20.86 -3.62 0.10
C GLU A 326 20.06 -3.23 -1.15
N ALA A 327 18.83 -3.71 -1.31
CA ALA A 327 18.04 -3.56 -2.56
C ALA A 327 17.61 -2.10 -2.81
N ARG A 328 17.24 -1.34 -1.76
CA ARG A 328 16.66 0.02 -1.96
C ARG A 328 17.78 1.05 -2.06
N GLY A 329 17.46 2.21 -2.66
CA GLY A 329 18.32 3.41 -2.71
C GLY A 329 18.15 4.27 -1.47
N TYR A 330 19.16 5.09 -1.18
CA TYR A 330 19.18 6.02 -0.01
C TYR A 330 19.49 7.43 -0.52
N ALA A 331 19.14 8.44 0.27
CA ALA A 331 19.41 9.86 -0.06
C ALA A 331 20.90 10.02 -0.38
N HIS A 332 21.22 10.59 -1.54
CA HIS A 332 22.60 10.98 -1.97
C HIS A 332 23.12 12.16 -1.14
N GLU A 333 22.26 12.84 -0.37
CA GLU A 333 22.60 14.12 0.31
C GLU A 333 23.46 13.83 1.54
N VAL A 334 23.04 12.88 2.38
CA VAL A 334 23.81 12.45 3.59
C VAL A 334 25.15 11.85 3.13
N GLY A 335 26.24 12.22 3.81
CA GLY A 335 27.58 11.68 3.52
C GLY A 335 27.69 10.23 3.94
N GLU A 336 28.69 9.52 3.42
CA GLU A 336 28.98 8.10 3.77
C GLU A 336 29.10 7.95 5.30
N PHE A 337 28.47 6.92 5.86
CA PHE A 337 28.54 6.56 7.30
C PHE A 337 28.30 5.05 7.50
N SER A 338 28.89 4.53 8.56
CA SER A 338 28.87 3.11 8.97
C SER A 338 28.22 3.00 10.35
N THR A 339 27.67 1.85 10.70
CA THR A 339 27.09 1.61 12.02
C THR A 339 26.79 0.11 12.14
N VAL A 340 26.37 -0.33 13.33
CA VAL A 340 25.95 -1.72 13.60
C VAL A 340 24.49 -1.71 14.04
N LEU A 341 23.64 -2.34 13.24
CA LEU A 341 22.18 -2.45 13.48
C LEU A 341 21.87 -3.86 13.98
N GLU A 342 21.14 -3.95 15.10
CA GLU A 342 20.57 -5.22 15.62
C GLU A 342 19.05 -5.19 15.48
N VAL A 343 18.49 -6.15 14.75
CA VAL A 343 17.05 -6.49 14.75
C VAL A 343 16.85 -7.61 15.77
N SER A 344 15.92 -7.42 16.72
CA SER A 344 15.57 -8.42 17.77
C SER A 344 15.19 -9.73 17.08
N ASP A 345 15.88 -10.83 17.44
CA ASP A 345 15.66 -12.18 16.87
C ASP A 345 15.68 -12.12 15.32
N GLY A 346 16.52 -11.25 14.73
CA GLY A 346 16.56 -11.01 13.27
C GLY A 346 17.97 -10.80 12.72
N GLY A 347 19.00 -10.88 13.57
CA GLY A 347 20.42 -10.75 13.21
C GLY A 347 21.06 -9.46 13.69
N ARG A 348 22.39 -9.38 13.61
CA ARG A 348 23.15 -8.12 13.82
C ARG A 348 24.02 -7.86 12.59
N PHE A 349 24.01 -6.63 12.08
CA PHE A 349 24.65 -6.27 10.78
C PHE A 349 25.46 -4.99 10.89
N ALA A 350 26.69 -5.06 10.38
CA ALA A 350 27.50 -3.89 9.96
C ALA A 350 26.81 -3.27 8.74
N LEU A 351 26.21 -2.09 8.94
CA LEU A 351 25.52 -1.31 7.89
C LEU A 351 26.43 -0.14 7.50
N LYS A 352 26.83 -0.07 6.24
CA LYS A 352 27.58 1.08 5.66
C LYS A 352 26.76 1.65 4.52
N ILE A 353 26.41 2.93 4.59
CA ILE A 353 25.58 3.64 3.58
C ILE A 353 26.40 4.77 2.98
N GLY A 354 26.53 4.82 1.65
CA GLY A 354 27.05 6.00 0.94
C GLY A 354 26.71 5.95 -0.53
N ASP A 355 26.58 7.11 -1.20
CA ASP A 355 26.30 7.22 -2.65
C ASP A 355 24.95 6.56 -2.95
N GLY A 356 24.02 6.67 -2.00
CA GLY A 356 22.67 6.10 -2.10
C GLY A 356 22.62 4.59 -2.21
N ARG A 357 23.74 3.89 -1.97
CA ARG A 357 23.75 2.40 -1.84
C ARG A 357 24.10 2.04 -0.39
N ALA A 358 23.68 0.85 0.06
CA ALA A 358 24.01 0.29 1.39
C ALA A 358 24.71 -1.06 1.20
N ARG A 359 25.73 -1.34 2.02
CA ARG A 359 26.34 -2.67 2.22
C ARG A 359 26.01 -3.11 3.64
N CYS A 360 25.46 -4.33 3.78
CA CYS A 360 24.87 -4.88 5.03
C CYS A 360 25.41 -6.30 5.23
N THR A 361 26.34 -6.49 6.17
CA THR A 361 27.11 -7.76 6.36
C THR A 361 27.01 -8.24 7.80
N PRO A 362 27.16 -9.56 8.05
CA PRO A 362 27.12 -10.12 9.40
C PRO A 362 28.27 -9.56 10.25
N THR A 363 28.03 -9.32 11.52
CA THR A 363 29.05 -8.86 12.51
C THR A 363 28.64 -9.37 13.88
N ASP A 364 29.60 -9.46 14.81
CA ASP A 364 29.29 -9.71 16.26
C ASP A 364 29.71 -8.47 17.07
N ALA A 365 30.13 -7.39 16.39
CA ALA A 365 30.52 -6.10 17.01
C ALA A 365 29.34 -5.53 17.82
N ALA A 366 29.63 -4.69 18.81
CA ALA A 366 28.61 -4.02 19.68
C ALA A 366 27.59 -3.27 18.79
N ALA A 367 26.30 -3.48 19.05
CA ALA A 367 25.19 -2.80 18.36
C ALA A 367 25.16 -1.33 18.80
N GLU A 368 25.06 -0.41 17.83
CA GLU A 368 24.89 1.05 18.06
C GLU A 368 23.39 1.39 18.01
N ILE A 369 22.61 0.59 17.29
CA ILE A 369 21.17 0.83 17.00
C ILE A 369 20.44 -0.51 17.10
N GLU A 370 19.36 -0.57 17.88
CA GLU A 370 18.51 -1.77 18.11
C GLU A 370 17.06 -1.45 17.77
N MET A 371 16.31 -2.43 17.26
CA MET A 371 14.85 -2.28 16.99
C MET A 371 14.22 -3.64 16.70
N ASP A 372 12.92 -3.78 16.98
CA ASP A 372 12.11 -4.94 16.54
C ASP A 372 12.00 -4.89 15.01
N ARG A 373 11.72 -6.03 14.39
CA ARG A 373 11.66 -6.19 12.92
C ARG A 373 10.55 -5.30 12.35
N ASP A 374 9.41 -5.17 13.04
CA ASP A 374 8.25 -4.33 12.60
C ASP A 374 8.71 -2.89 12.39
N VAL A 375 9.51 -2.35 13.30
CA VAL A 375 10.02 -0.95 13.23
C VAL A 375 10.80 -0.79 11.91
N LEU A 376 11.56 -1.80 11.53
CA LEU A 376 12.36 -1.76 10.27
C LEU A 376 11.38 -1.66 9.08
N GLY A 377 10.33 -2.49 9.07
CA GLY A 377 9.23 -2.42 8.09
C GLY A 377 8.73 -1.00 7.94
N SER A 378 8.52 -0.30 9.06
CA SER A 378 7.95 1.07 9.13
C SER A 378 8.92 2.12 8.56
N LEU A 379 10.23 1.97 8.76
CA LEU A 379 11.25 2.91 8.20
C LEU A 379 11.46 2.65 6.71
N TYR A 380 11.20 1.43 6.24
CA TYR A 380 11.77 0.88 4.98
C TYR A 380 11.37 1.71 3.76
N LEU A 381 10.10 2.13 3.64
CA LEU A 381 9.59 2.90 2.47
C LEU A 381 9.79 4.40 2.73
N GLY A 382 10.24 4.78 3.93
CA GLY A 382 10.64 6.17 4.27
C GLY A 382 9.44 7.05 4.52
N ALA A 383 8.37 6.49 5.10
CA ALA A 383 7.11 7.18 5.46
C ALA A 383 7.14 7.59 6.94
N HIS A 384 7.88 6.86 7.77
CA HIS A 384 8.09 7.18 9.20
C HIS A 384 9.56 7.57 9.38
N ARG A 385 9.80 8.61 10.18
CA ARG A 385 11.15 9.12 10.52
C ARG A 385 11.68 8.31 11.71
N ALA A 386 12.93 7.91 11.67
CA ALA A 386 13.60 7.19 12.77
C ALA A 386 13.53 8.01 14.06
N SER A 387 13.75 9.34 14.00
CA SER A 387 13.64 10.28 15.15
C SER A 387 12.34 10.04 15.91
N THR A 388 11.24 9.89 15.18
CA THR A 388 9.88 9.72 15.74
C THR A 388 9.80 8.36 16.45
N LEU A 389 10.27 7.29 15.82
CA LEU A 389 10.22 5.93 16.42
C LEU A 389 11.16 5.88 17.63
N ALA A 390 12.31 6.57 17.57
CA ALA A 390 13.27 6.68 18.69
C ALA A 390 12.63 7.40 19.88
N ALA A 391 11.85 8.45 19.63
CA ALA A 391 11.16 9.23 20.68
C ALA A 391 10.25 8.30 21.50
N ALA A 392 9.71 7.24 20.88
CA ALA A 392 8.75 6.28 21.47
C ALA A 392 9.50 5.08 22.06
N ASN A 393 10.83 5.07 21.89
CA ASN A 393 11.73 3.97 22.30
C ASN A 393 11.41 2.68 21.53
N ARG A 394 10.86 2.79 20.31
CA ARG A 394 10.73 1.63 19.39
C ARG A 394 12.10 1.33 18.77
N LEU A 395 13.06 2.22 18.96
CA LEU A 395 14.34 2.23 18.20
C LEU A 395 15.43 2.85 19.09
N ARG A 396 16.24 2.00 19.73
CA ARG A 396 17.25 2.37 20.76
C ARG A 396 18.60 2.68 20.10
N THR A 397 19.18 3.82 20.48
CA THR A 397 20.60 4.19 20.24
C THR A 397 21.01 5.20 21.32
N LYS A 398 22.31 5.40 21.50
CA LYS A 398 22.87 6.37 22.49
C LYS A 398 23.58 7.51 21.74
N ASP A 399 23.58 7.49 20.41
CA ASP A 399 24.19 8.55 19.54
C ASP A 399 23.12 9.18 18.65
N SER A 400 22.79 10.46 18.87
CA SER A 400 21.69 11.18 18.20
C SER A 400 22.15 11.71 16.82
N GLN A 401 23.46 11.81 16.61
CA GLN A 401 24.04 12.11 15.27
C GLN A 401 23.68 10.98 14.29
N LEU A 402 23.80 9.73 14.73
CA LEU A 402 23.49 8.53 13.92
C LEU A 402 21.99 8.49 13.60
N LEU A 403 21.16 8.99 14.52
CA LEU A 403 19.69 9.08 14.35
C LEU A 403 19.37 10.04 13.20
N ARG A 404 19.97 11.23 13.21
CA ARG A 404 19.80 12.22 12.12
C ARG A 404 20.20 11.60 10.79
N ARG A 405 21.29 10.84 10.77
CA ARG A 405 21.83 10.20 9.54
C ARG A 405 20.87 9.12 9.01
N LEU A 406 20.43 8.20 9.87
CA LEU A 406 19.40 7.18 9.52
C LEU A 406 18.20 7.90 8.91
N ASP A 407 17.69 8.89 9.65
CA ASP A 407 16.55 9.76 9.26
C ASP A 407 16.69 10.17 7.79
N ALA A 408 17.82 10.80 7.44
CA ALA A 408 18.06 11.41 6.11
C ALA A 408 18.29 10.31 5.06
N ALA A 409 19.07 9.28 5.41
CA ALA A 409 19.39 8.16 4.49
C ALA A 409 18.12 7.47 4.01
N PHE A 410 17.23 7.11 4.95
CA PHE A 410 16.04 6.25 4.74
C PHE A 410 14.89 7.06 4.14
N ALA A 411 14.90 8.39 4.29
CA ALA A 411 13.93 9.31 3.66
C ALA A 411 13.87 9.04 2.15
N SER A 412 12.69 9.26 1.55
CA SER A 412 12.42 9.03 0.10
C SER A 412 12.13 10.36 -0.61
N ASP A 413 12.95 10.68 -1.60
CA ASP A 413 12.79 11.84 -2.53
C ASP A 413 11.34 11.84 -3.05
N VAL A 414 10.97 10.84 -3.86
CA VAL A 414 9.57 10.61 -4.34
C VAL A 414 8.72 10.18 -3.15
N PRO A 415 7.63 10.91 -2.81
CA PRO A 415 6.77 10.52 -1.69
C PRO A 415 6.14 9.13 -1.83
N VAL A 416 6.00 8.42 -0.70
CA VAL A 416 5.41 7.04 -0.59
C VAL A 416 3.89 7.15 -0.76
N GLN A 417 3.31 6.37 -1.68
CA GLN A 417 1.84 6.29 -1.92
C GLN A 417 1.39 4.83 -1.66
N THR A 418 0.07 4.56 -1.67
CA THR A 418 -0.50 3.19 -1.53
C THR A 418 -1.18 2.81 -2.85
N ALA A 419 -0.85 1.63 -3.38
CA ALA A 419 -1.25 1.20 -4.74
C ALA A 419 -2.72 0.78 -4.72
N PHE A 420 -3.02 -0.36 -4.13
CA PHE A 420 -4.40 -0.91 -4.05
C PHE A 420 -4.43 -1.91 -2.90
N GLU A 421 -5.59 -2.02 -2.25
CA GLU A 421 -5.84 -2.97 -1.14
C GLU A 421 -5.84 -4.38 -1.72
N PHE A 422 -5.19 -5.31 -1.02
CA PHE A 422 -5.24 -6.77 -1.25
C PHE A 422 -5.40 -7.45 0.13
C10 RMS B . -7.88 -6.24 2.90
C11 RMS B . -7.78 -6.52 4.41
C12 RMS B . -8.48 -5.56 5.25
C13 RMS B . -8.62 -4.24 4.67
C19 RMS B . -8.39 -13.17 -2.41
C20 RMS B . -9.53 -13.96 -2.77
C21 RMS B . -9.12 -15.41 -2.93
C23 RMS B . -7.17 -14.07 -2.31
N01 RMS B . -6.57 -10.83 -1.64
C02 RMS B . -7.98 -10.65 -1.91
N03 RMS B . -8.53 -9.45 -1.83
C04 RMS B . -9.82 -9.25 -2.07
S05 RMS B . -10.51 -7.57 -1.96
C06 RMS B . -9.39 -6.45 -1.00
C07 RMS B . -9.97 -6.05 0.38
C08 RMS B . -9.00 -5.23 1.28
N09 RMS B . -9.04 -5.48 2.48
C14 RMS B . -9.20 -4.24 3.23
N15 RMS B . -10.63 -10.24 -2.39
C16 RMS B . -10.17 -11.49 -2.50
S17 RMS B . -10.89 -12.94 -2.89
C18 RMS B . -8.83 -11.72 -2.25
C22 RMS B . -7.60 -15.33 -3.07
C1 PEG C . 7.22 -18.90 -4.74
O1 PEG C . 7.21 -20.29 -4.47
C2 PEG C . 5.93 -18.43 -5.34
O2 PEG C . 6.18 -17.54 -6.43
C3 PEG C . 5.13 -17.53 -7.40
C4 PEG C . 5.38 -16.53 -8.50
O4 PEG C . 4.98 -17.00 -9.78
C1 GOL D . -7.20 -16.29 17.70
O1 GOL D . -7.80 -15.65 16.57
C2 GOL D . -5.91 -17.00 17.34
O2 GOL D . -6.19 -18.37 17.06
C3 GOL D . -4.84 -16.87 18.41
O3 GOL D . -3.52 -17.02 17.88
S SO4 E . 15.66 8.01 -2.95
O1 SO4 E . 14.25 7.79 -3.17
O2 SO4 E . 16.42 7.05 -3.71
O3 SO4 E . 16.02 9.33 -3.36
O4 SO4 E . 15.95 7.84 -1.55
C1 PEG F . -0.48 12.61 -5.88
O1 PEG F . 0.55 13.40 -6.44
C2 PEG F . -1.07 11.69 -6.88
O2 PEG F . -2.45 11.45 -6.59
C3 PEG F . -2.66 10.39 -5.67
C4 PEG F . -4.12 10.29 -5.33
O4 PEG F . -4.43 9.11 -4.62
S SO4 G . -10.14 -9.61 2.00
O1 SO4 G . -9.05 -9.41 1.09
O2 SO4 G . -11.24 -10.23 1.31
O3 SO4 G . -10.57 -8.33 2.52
O4 SO4 G . -9.71 -10.44 3.08
#